data_5XHU
#
_entry.id   5XHU
#
_cell.length_a   72.371
_cell.length_b   164.598
_cell.length_c   76.576
_cell.angle_alpha   90.000
_cell.angle_beta   90.000
_cell.angle_gamma   90.000
#
_symmetry.space_group_name_H-M   'C 2 2 2'
#
loop_
_entity.id
_entity.type
_entity.pdbx_description
1 polymer 'Ferredoxin--NADP reductase'
2 non-polymer 'FLAVIN-ADENINE DINUCLEOTIDE'
3 water water
#
_entity_poly.entity_id   1
_entity_poly.type   'polypeptide(L)'
_entity_poly.pdbx_seq_one_letter_code
;EVYDVTIIGGGPIGLFTAFYCGMRELKTKVIEFLPKLGGKVSLFFPEKIIRDIGGIPGIAGKQLIEQLKEQAATFDPDIV
LNQRVTGFERLDDGTIVLTGSEGKKHYTRTVILACGMGTLEVNEFDSEDAARYAGKNLHYGVEKLDAFKGKRVVISGGGD
TAVDWANELEPIAASVTVVHRREEFGGMESSVTKMKQSSVRVLTPYRLEQLNGDEEGIKSVTVCHTESGQRKDIEIDELI
INHGFKIDLGPMMEWGLEIEEGRVKADRHMRTNLPGVFVAGDAAFYESKLRLIAGGFTEGPTAVNSAKAYLDPKAENMAM
YSTHHKKLV
;
_entity_poly.pdbx_strand_id   A
#
# COMPACT_ATOMS: atom_id res chain seq x y z
N GLU A 1 26.78 7.61 1.79
CA GLU A 1 26.74 7.30 0.33
C GLU A 1 25.58 8.00 -0.37
N VAL A 2 25.89 8.78 -1.40
CA VAL A 2 24.91 9.69 -1.98
C VAL A 2 24.29 9.10 -3.23
N TYR A 3 22.98 8.87 -3.22
CA TYR A 3 22.30 8.36 -4.40
C TYR A 3 21.92 9.53 -5.33
N ASP A 4 21.77 9.22 -6.61
CA ASP A 4 21.30 10.23 -7.56
C ASP A 4 19.80 10.41 -7.33
N VAL A 5 19.11 9.28 -7.18
CA VAL A 5 17.65 9.29 -7.00
C VAL A 5 17.22 8.29 -5.93
N THR A 6 16.38 8.76 -5.01
CA THR A 6 15.74 7.90 -4.04
C THR A 6 14.25 8.03 -4.26
N ILE A 7 13.64 6.89 -4.52
CA ILE A 7 12.21 6.79 -4.78
C ILE A 7 11.50 6.37 -3.50
N ILE A 8 10.53 7.16 -3.06
CA ILE A 8 9.72 6.81 -1.88
C ILE A 8 8.40 6.15 -2.31
N GLY A 9 8.30 4.85 -2.02
CA GLY A 9 7.22 3.99 -2.46
C GLY A 9 7.72 2.90 -3.40
N GLY A 10 7.40 1.65 -3.05
CA GLY A 10 7.75 0.49 -3.87
C GLY A 10 6.50 -0.21 -4.39
N GLY A 11 5.48 0.59 -4.67
CA GLY A 11 4.30 0.11 -5.36
C GLY A 11 4.61 -0.08 -6.83
N PRO A 12 3.58 -0.38 -7.64
CA PRO A 12 3.86 -0.60 -9.06
C PRO A 12 4.57 0.60 -9.73
N ILE A 13 4.23 1.83 -9.33
CA ILE A 13 4.82 2.99 -9.98
C ILE A 13 6.27 3.20 -9.58
N GLY A 14 6.56 3.03 -8.29
CA GLY A 14 7.94 3.06 -7.81
C GLY A 14 8.84 2.04 -8.47
N LEU A 15 8.29 0.86 -8.75
CA LEU A 15 9.07 -0.19 -9.37
C LEU A 15 9.44 0.15 -10.83
N PHE A 16 8.47 0.60 -11.62
CA PHE A 16 8.79 0.96 -12.99
C PHE A 16 9.68 2.21 -13.03
N THR A 17 9.47 3.14 -12.10
CA THR A 17 10.29 4.31 -11.98
C THR A 17 11.76 3.93 -11.74
N ALA A 18 11.99 2.94 -10.90
CA ALA A 18 13.33 2.51 -10.57
C ALA A 18 14.02 1.96 -11.81
N PHE A 19 13.29 1.16 -12.59
CA PHE A 19 13.79 0.64 -13.83
C PHE A 19 14.21 1.78 -14.78
N TYR A 20 13.37 2.80 -14.89
CA TYR A 20 13.70 3.85 -15.84
C TYR A 20 14.93 4.66 -15.35
N CYS A 21 15.08 4.80 -14.03
CA CYS A 21 16.28 5.41 -13.45
C CYS A 21 17.54 4.66 -13.92
N GLY A 22 17.47 3.33 -13.88
CA GLY A 22 18.54 2.46 -14.36
C GLY A 22 18.87 2.66 -15.83
N MET A 23 17.84 2.85 -16.65
CA MET A 23 18.05 3.13 -18.06
C MET A 23 18.80 4.43 -18.29
N ARG A 24 18.62 5.39 -17.39
CA ARG A 24 19.30 6.68 -17.49
C ARG A 24 20.53 6.74 -16.59
N GLU A 25 21.06 5.57 -16.24
CA GLU A 25 22.32 5.45 -15.52
C GLU A 25 22.37 6.14 -14.16
N LEU A 26 21.23 6.31 -13.51
CA LEU A 26 21.20 6.96 -12.19
C LEU A 26 21.37 5.96 -11.08
N LYS A 27 22.20 6.31 -10.09
CA LYS A 27 22.37 5.50 -8.89
C LYS A 27 21.11 5.61 -8.07
N THR A 28 20.44 4.47 -7.87
CA THR A 28 19.03 4.45 -7.48
C THR A 28 18.72 3.64 -6.21
N LYS A 29 17.81 4.20 -5.42
CA LYS A 29 17.29 3.54 -4.21
C LYS A 29 15.78 3.69 -4.16
N VAL A 30 15.11 2.61 -3.74
CA VAL A 30 13.68 2.59 -3.48
C VAL A 30 13.51 2.33 -1.99
N ILE A 31 12.60 3.07 -1.36
CA ILE A 31 12.32 2.90 0.07
C ILE A 31 10.82 2.67 0.22
N GLU A 32 10.46 1.52 0.80
CA GLU A 32 9.07 1.11 0.98
C GLU A 32 8.75 0.82 2.44
N PHE A 33 7.57 1.25 2.87
CA PHE A 33 7.07 1.05 4.23
C PHE A 33 6.66 -0.39 4.55
N LEU A 34 5.99 -1.05 3.62
CA LEU A 34 5.60 -2.46 3.79
C LEU A 34 6.79 -3.40 3.74
N PRO A 35 6.61 -4.64 4.20
CA PRO A 35 7.63 -5.68 4.08
C PRO A 35 7.73 -6.31 2.69
N LYS A 36 6.85 -5.91 1.77
CA LYS A 36 7.01 -6.37 0.40
C LYS A 36 6.57 -5.31 -0.56
N LEU A 37 7.03 -5.47 -1.79
CA LEU A 37 6.79 -4.56 -2.87
C LEU A 37 5.43 -4.81 -3.51
N GLY A 38 4.89 -3.80 -4.18
CA GLY A 38 3.70 -3.92 -4.99
C GLY A 38 2.54 -3.09 -4.53
N GLY A 39 2.67 -2.44 -3.38
CA GLY A 39 1.69 -1.44 -2.98
C GLY A 39 0.25 -1.91 -2.96
N LYS A 40 -0.67 -1.10 -3.49
CA LYS A 40 -2.09 -1.45 -3.42
C LYS A 40 -2.43 -2.69 -4.22
N VAL A 41 -1.66 -2.97 -5.26
CA VAL A 41 -1.90 -4.15 -6.06
C VAL A 41 -1.68 -5.40 -5.19
N SER A 42 -0.54 -5.43 -4.53
CA SER A 42 -0.17 -6.58 -3.74
C SER A 42 -1.09 -6.76 -2.53
N LEU A 43 -1.50 -5.67 -1.91
CA LEU A 43 -2.30 -5.75 -0.69
C LEU A 43 -3.75 -5.91 -0.95
N PHE A 44 -4.26 -5.28 -2.01
CA PHE A 44 -5.70 -5.18 -2.18
C PHE A 44 -6.32 -5.87 -3.38
N PHE A 45 -5.54 -6.18 -4.42
CA PHE A 45 -6.11 -6.95 -5.53
C PHE A 45 -5.13 -7.87 -6.25
N PRO A 46 -4.37 -8.64 -5.49
CA PRO A 46 -3.35 -9.47 -6.11
C PRO A 46 -3.95 -10.54 -7.00
N GLU A 47 -5.16 -10.97 -6.70
CA GLU A 47 -5.79 -12.04 -7.43
C GLU A 47 -6.66 -11.56 -8.61
N LYS A 48 -6.99 -10.28 -8.64
CA LYS A 48 -7.85 -9.74 -9.70
C LYS A 48 -7.11 -9.58 -11.03
N ILE A 49 -7.86 -9.70 -12.11
CA ILE A 49 -7.34 -9.53 -13.47
C ILE A 49 -7.45 -8.07 -13.91
N ILE A 50 -6.30 -7.44 -14.11
CA ILE A 50 -6.21 -6.06 -14.53
C ILE A 50 -6.19 -6.07 -16.05
N ARG A 51 -7.07 -5.27 -16.63
CA ARG A 51 -7.25 -5.21 -18.06
C ARG A 51 -7.06 -3.83 -18.68
N ASP A 52 -6.73 -2.82 -17.87
CA ASP A 52 -6.56 -1.46 -18.38
C ASP A 52 -5.13 -0.93 -18.40
N ILE A 53 -4.17 -1.86 -18.41
CA ILE A 53 -2.77 -1.51 -18.62
C ILE A 53 -2.47 -1.61 -20.11
N GLY A 54 -1.92 -0.54 -20.70
CA GLY A 54 -1.60 -0.52 -22.13
C GLY A 54 -0.74 -1.71 -22.55
N GLY A 55 -1.24 -2.48 -23.51
CA GLY A 55 -0.51 -3.60 -24.11
C GLY A 55 -0.69 -4.97 -23.45
N ILE A 56 -1.43 -5.01 -22.34
CA ILE A 56 -1.56 -6.23 -21.57
C ILE A 56 -3.05 -6.57 -21.52
N PRO A 57 -3.48 -7.56 -22.32
CA PRO A 57 -4.90 -7.88 -22.35
C PRO A 57 -5.51 -8.24 -20.98
N GLY A 58 -4.84 -9.06 -20.20
CA GLY A 58 -5.28 -9.39 -18.85
C GLY A 58 -4.11 -9.88 -18.04
N ILE A 59 -3.98 -9.43 -16.79
CA ILE A 59 -2.92 -9.89 -15.91
C ILE A 59 -3.36 -9.82 -14.46
N ALA A 60 -3.10 -10.89 -13.70
CA ALA A 60 -3.42 -10.89 -12.28
C ALA A 60 -2.49 -9.92 -11.57
N GLY A 61 -3.04 -9.21 -10.57
CA GLY A 61 -2.29 -8.24 -9.81
C GLY A 61 -0.94 -8.73 -9.44
N LYS A 62 -0.90 -9.92 -8.84
CA LYS A 62 0.33 -10.46 -8.34
C LYS A 62 1.30 -10.66 -9.46
N GLN A 63 0.82 -11.07 -10.64
CA GLN A 63 1.73 -11.38 -11.73
C GLN A 63 2.30 -10.06 -12.29
N LEU A 64 1.49 -8.99 -12.27
CA LEU A 64 1.98 -7.69 -12.67
C LEU A 64 3.11 -7.28 -11.76
N ILE A 65 2.97 -7.54 -10.46
CA ILE A 65 3.99 -7.13 -9.52
C ILE A 65 5.27 -7.97 -9.74
N GLU A 66 5.14 -9.25 -10.06
CA GLU A 66 6.35 -10.04 -10.40
C GLU A 66 7.03 -9.47 -11.65
N GLN A 67 6.24 -9.11 -12.65
CA GLN A 67 6.80 -8.55 -13.87
C GLN A 67 7.45 -7.19 -13.59
N LEU A 68 6.84 -6.37 -12.74
CA LEU A 68 7.44 -5.07 -12.41
C LEU A 68 8.68 -5.21 -11.55
N LYS A 69 8.73 -6.22 -10.69
CA LYS A 69 9.97 -6.52 -9.93
C LYS A 69 11.09 -6.92 -10.86
N GLU A 70 10.76 -7.72 -11.88
CA GLU A 70 11.74 -8.07 -12.85
C GLU A 70 12.28 -6.83 -13.55
N GLN A 71 11.40 -5.89 -13.90
CA GLN A 71 11.85 -4.65 -14.55
C GLN A 71 12.75 -3.84 -13.61
N ALA A 72 12.29 -3.63 -12.39
CA ALA A 72 13.06 -2.92 -11.38
C ALA A 72 14.43 -3.53 -11.11
N ALA A 73 14.53 -4.85 -11.22
CA ALA A 73 15.78 -5.56 -10.93
C ALA A 73 16.83 -5.37 -12.00
N THR A 74 16.42 -5.01 -13.22
CA THR A 74 17.33 -4.96 -14.36
C THR A 74 18.68 -4.32 -14.05
N PHE A 75 18.68 -3.13 -13.47
CA PHE A 75 19.92 -2.39 -13.21
C PHE A 75 20.32 -2.38 -11.72
N ASP A 76 19.82 -3.37 -11.00
CA ASP A 76 20.19 -3.62 -9.62
C ASP A 76 20.18 -2.39 -8.68
N PRO A 77 19.05 -1.69 -8.57
CA PRO A 77 18.91 -0.61 -7.60
C PRO A 77 18.83 -1.16 -6.18
N ASP A 78 19.11 -0.35 -5.17
CA ASP A 78 19.02 -0.81 -3.78
C ASP A 78 17.60 -0.65 -3.24
N ILE A 79 17.07 -1.74 -2.70
CA ILE A 79 15.67 -1.78 -2.26
C ILE A 79 15.66 -1.78 -0.75
N VAL A 80 14.97 -0.82 -0.15
CA VAL A 80 14.88 -0.72 1.29
C VAL A 80 13.42 -0.96 1.69
N LEU A 81 13.21 -1.93 2.58
CA LEU A 81 11.89 -2.31 3.02
C LEU A 81 11.69 -2.00 4.51
N ASN A 82 10.42 -2.02 4.92
CA ASN A 82 10.06 -1.83 6.33
C ASN A 82 10.53 -0.49 6.89
N GLN A 83 10.37 0.57 6.11
CA GLN A 83 10.78 1.93 6.55
C GLN A 83 9.77 2.97 6.03
N ARG A 84 9.26 3.77 6.95
CA ARG A 84 8.48 4.94 6.61
C ARG A 84 9.38 6.17 6.57
N VAL A 85 9.50 6.80 5.41
CA VAL A 85 10.28 8.02 5.33
C VAL A 85 9.43 9.14 5.88
N THR A 86 9.89 9.79 6.95
CA THR A 86 9.14 10.83 7.59
C THR A 86 9.86 12.19 7.61
N GLY A 87 11.19 12.19 7.64
CA GLY A 87 11.96 13.43 7.70
C GLY A 87 12.62 13.85 6.38
N PHE A 88 12.76 15.17 6.20
CA PHE A 88 13.37 15.76 5.01
C PHE A 88 14.24 16.93 5.48
N GLU A 89 15.45 17.07 4.91
CA GLU A 89 16.22 18.29 5.09
C GLU A 89 17.28 18.39 4.00
N ARG A 90 17.83 19.59 3.82
CA ARG A 90 18.88 19.85 2.84
C ARG A 90 20.19 20.18 3.52
N LEU A 91 21.27 19.60 3.01
CA LEU A 91 22.61 19.93 3.44
C LEU A 91 23.09 21.18 2.69
N ASP A 92 24.21 21.72 3.14
CA ASP A 92 24.74 22.94 2.59
C ASP A 92 24.98 22.82 1.09
N ASP A 93 25.43 21.65 0.66
CA ASP A 93 25.76 21.47 -0.75
C ASP A 93 24.59 21.08 -1.63
N GLY A 94 23.39 21.10 -1.06
CA GLY A 94 22.19 20.78 -1.81
C GLY A 94 21.74 19.34 -1.70
N THR A 95 22.59 18.46 -1.17
CA THR A 95 22.19 17.08 -0.87
C THR A 95 20.95 17.04 0.01
N ILE A 96 20.05 16.10 -0.29
CA ILE A 96 18.83 15.92 0.47
C ILE A 96 19.06 14.74 1.42
N VAL A 97 18.62 14.91 2.66
CA VAL A 97 18.69 13.84 3.64
C VAL A 97 17.28 13.42 3.99
N LEU A 98 16.98 12.14 3.77
CA LEU A 98 15.71 11.58 4.15
C LEU A 98 15.92 10.79 5.41
N THR A 99 14.99 10.95 6.34
CA THR A 99 15.04 10.25 7.60
C THR A 99 13.86 9.30 7.73
N GLY A 100 14.20 8.04 7.97
CA GLY A 100 13.20 7.04 8.31
C GLY A 100 12.77 7.29 9.74
N SER A 101 11.53 6.91 10.04
CA SER A 101 10.98 7.17 11.37
C SER A 101 11.72 6.44 12.50
N GLU A 102 12.74 5.65 12.16
CA GLU A 102 13.60 5.02 13.15
C GLU A 102 15.02 5.59 13.13
N GLY A 103 15.15 6.83 12.66
CA GLY A 103 16.41 7.53 12.67
C GLY A 103 17.33 7.22 11.52
N LYS A 104 16.89 6.37 10.59
CA LYS A 104 17.77 5.96 9.48
C LYS A 104 18.01 7.12 8.50
N LYS A 105 19.27 7.42 8.19
CA LYS A 105 19.62 8.51 7.26
C LYS A 105 19.87 8.01 5.84
N HIS A 106 19.12 8.56 4.89
CA HIS A 106 19.38 8.26 3.49
C HIS A 106 19.84 9.50 2.70
N TYR A 107 20.96 9.42 1.99
CA TYR A 107 21.50 10.57 1.23
C TYR A 107 21.19 10.50 -0.25
N THR A 108 20.67 11.60 -0.80
CA THR A 108 20.26 11.62 -2.18
C THR A 108 20.36 13.02 -2.84
N ARG A 109 20.58 13.03 -4.14
CA ARG A 109 20.58 14.26 -4.91
C ARG A 109 19.15 14.65 -5.31
N THR A 110 18.30 13.65 -5.56
CA THR A 110 16.90 13.92 -5.88
C THR A 110 15.96 12.90 -5.23
N VAL A 111 14.71 13.31 -5.10
CA VAL A 111 13.66 12.45 -4.58
C VAL A 111 12.52 12.36 -5.58
N ILE A 112 12.04 11.12 -5.78
CA ILE A 112 10.80 10.89 -6.49
C ILE A 112 9.79 10.28 -5.52
N LEU A 113 8.71 11.02 -5.31
CA LEU A 113 7.63 10.57 -4.44
C LEU A 113 6.71 9.65 -5.23
N ALA A 114 6.79 8.37 -4.95
CA ALA A 114 5.91 7.35 -5.55
C ALA A 114 5.13 6.66 -4.42
N CYS A 115 4.61 7.48 -3.52
CA CYS A 115 4.11 7.09 -2.22
C CYS A 115 2.56 6.96 -2.14
N GLY A 116 1.91 7.04 -3.32
CA GLY A 116 0.48 7.03 -3.41
C GLY A 116 -0.15 8.08 -2.52
N MET A 117 -1.23 7.73 -1.83
CA MET A 117 -1.89 8.68 -0.93
C MET A 117 -1.41 8.50 0.50
N GLY A 118 -0.33 7.75 0.65
CA GLY A 118 0.26 7.54 1.96
C GLY A 118 0.60 6.09 2.20
N THR A 119 1.23 5.84 3.34
CA THR A 119 1.53 4.47 3.79
C THR A 119 0.23 3.67 3.90
N LEU A 120 0.33 2.41 3.51
CA LEU A 120 -0.82 1.54 3.41
C LEU A 120 -0.99 0.84 4.74
N GLU A 121 -1.73 1.47 5.63
CA GLU A 121 -1.96 0.93 6.97
C GLU A 121 -3.42 0.65 7.22
N VAL A 122 -3.66 -0.49 7.87
CA VAL A 122 -4.97 -0.85 8.38
C VAL A 122 -4.88 -0.65 9.89
N ASN A 123 -5.81 0.12 10.46
CA ASN A 123 -5.85 0.32 11.91
C ASN A 123 -5.76 -1.01 12.67
N GLU A 124 -4.81 -1.13 13.59
CA GLU A 124 -4.74 -2.25 14.52
C GLU A 124 -4.73 -3.59 13.81
N PHE A 125 -3.84 -3.67 12.83
CA PHE A 125 -3.71 -4.84 12.03
C PHE A 125 -2.32 -4.80 11.45
N ASP A 126 -1.61 -5.92 11.50
CA ASP A 126 -0.20 -5.96 11.13
C ASP A 126 0.00 -5.93 9.62
N SER A 127 0.80 -4.99 9.13
CA SER A 127 1.28 -5.00 7.74
C SER A 127 1.76 -6.36 7.24
N GLU A 128 2.46 -7.11 8.08
CA GLU A 128 2.98 -8.43 7.67
C GLU A 128 1.84 -9.37 7.35
N ASP A 129 0.77 -9.26 8.13
CA ASP A 129 -0.43 -10.06 7.90
C ASP A 129 -1.15 -9.63 6.65
N ALA A 130 -1.33 -8.32 6.50
CA ALA A 130 -1.94 -7.78 5.30
C ALA A 130 -1.20 -8.30 4.07
N ALA A 131 0.14 -8.26 4.11
CA ALA A 131 0.95 -8.71 2.98
C ALA A 131 0.89 -10.23 2.80
N ARG A 132 1.01 -10.98 3.91
CA ARG A 132 1.04 -12.44 3.80
C ARG A 132 -0.29 -13.03 3.29
N TYR A 133 -1.43 -12.58 3.80
CA TYR A 133 -2.71 -13.21 3.44
C TYR A 133 -3.52 -12.50 2.36
N ALA A 134 -2.94 -11.50 1.71
CA ALA A 134 -3.64 -10.81 0.61
C ALA A 134 -4.11 -11.76 -0.50
N GLY A 135 -5.34 -11.62 -0.97
CA GLY A 135 -5.88 -12.53 -2.00
C GLY A 135 -6.32 -13.91 -1.52
N LYS A 136 -6.11 -14.23 -0.25
CA LYS A 136 -6.51 -15.55 0.30
C LYS A 136 -7.82 -15.35 1.03
N ASN A 137 -7.95 -15.83 2.27
CA ASN A 137 -9.27 -15.77 2.93
C ASN A 137 -9.27 -14.60 3.94
N LEU A 138 -8.51 -13.55 3.58
CA LEU A 138 -8.53 -12.23 4.25
C LEU A 138 -9.29 -11.23 3.39
N HIS A 139 -10.27 -10.56 3.96
CA HIS A 139 -11.11 -9.59 3.25
C HIS A 139 -11.21 -8.32 4.06
N TYR A 140 -11.43 -7.21 3.38
CA TYR A 140 -11.69 -5.90 4.02
C TYR A 140 -13.16 -5.49 3.82
N GLY A 141 -13.94 -6.41 3.26
CA GLY A 141 -15.36 -6.21 3.13
C GLY A 141 -16.02 -7.39 2.46
N VAL A 142 -17.33 -7.26 2.27
CA VAL A 142 -18.16 -8.30 1.70
C VAL A 142 -18.45 -7.94 0.24
N GLU A 143 -17.83 -8.66 -0.70
CA GLU A 143 -18.09 -8.42 -2.11
C GLU A 143 -19.45 -9.02 -2.47
N LYS A 144 -19.55 -10.35 -2.38
CA LYS A 144 -20.82 -11.05 -2.57
C LYS A 144 -21.07 -12.08 -1.46
N LEU A 145 -22.27 -12.01 -0.89
CA LEU A 145 -22.61 -12.81 0.27
C LEU A 145 -22.58 -14.33 0.02
N ASP A 146 -22.63 -14.72 -1.24
CA ASP A 146 -22.79 -16.13 -1.60
C ASP A 146 -21.49 -16.91 -1.46
N ALA A 147 -20.35 -16.23 -1.68
CA ALA A 147 -19.05 -16.86 -1.44
C ALA A 147 -18.85 -17.31 0.01
N PHE A 148 -19.60 -16.71 0.96
CA PHE A 148 -19.45 -16.99 2.39
C PHE A 148 -20.37 -18.11 2.88
N LYS A 149 -21.22 -18.60 1.98
CA LYS A 149 -22.14 -19.71 2.24
C LYS A 149 -21.40 -20.92 2.85
N GLY A 150 -21.90 -21.40 3.97
CA GLY A 150 -21.28 -22.53 4.67
C GLY A 150 -19.93 -22.27 5.34
N LYS A 151 -19.40 -21.07 5.30
CA LYS A 151 -18.07 -20.86 5.85
C LYS A 151 -18.11 -20.32 7.28
N ARG A 152 -17.09 -20.66 8.06
CA ARG A 152 -16.92 -20.10 9.40
C ARG A 152 -16.21 -18.77 9.31
N VAL A 153 -16.96 -17.71 9.60
CA VAL A 153 -16.55 -16.33 9.33
C VAL A 153 -16.29 -15.61 10.61
N VAL A 154 -15.18 -14.89 10.66
CA VAL A 154 -14.90 -13.96 11.73
C VAL A 154 -14.85 -12.58 11.12
N ILE A 155 -15.49 -11.64 11.78
CA ILE A 155 -15.44 -10.22 11.42
C ILE A 155 -14.82 -9.50 12.61
N SER A 156 -13.76 -8.74 12.38
CA SER A 156 -13.12 -7.98 13.43
C SER A 156 -13.40 -6.52 13.15
N GLY A 157 -14.02 -5.85 14.10
CA GLY A 157 -14.57 -4.50 13.89
C GLY A 157 -15.82 -4.27 14.71
N GLY A 158 -16.09 -3.01 15.04
CA GLY A 158 -17.22 -2.66 15.89
C GLY A 158 -18.15 -1.60 15.32
N GLY A 159 -17.87 -1.18 14.08
CA GLY A 159 -18.68 -0.15 13.44
C GLY A 159 -19.98 -0.69 12.88
N ASP A 160 -20.74 0.19 12.23
CA ASP A 160 -22.02 -0.16 11.62
C ASP A 160 -21.90 -1.17 10.49
N THR A 161 -20.93 -0.98 9.63
CA THR A 161 -20.68 -1.89 8.52
C THR A 161 -20.34 -3.31 9.02
N ALA A 162 -19.63 -3.37 10.16
CA ALA A 162 -19.29 -4.63 10.80
C ALA A 162 -20.57 -5.32 11.30
N VAL A 163 -21.38 -4.57 12.05
CA VAL A 163 -22.63 -5.12 12.62
C VAL A 163 -23.61 -5.52 11.51
N ASP A 164 -23.78 -4.67 10.51
CA ASP A 164 -24.62 -5.00 9.36
C ASP A 164 -24.09 -6.22 8.59
N TRP A 165 -22.77 -6.30 8.41
CA TRP A 165 -22.19 -7.46 7.70
C TRP A 165 -22.44 -8.75 8.44
N ALA A 166 -22.42 -8.68 9.77
CA ALA A 166 -22.73 -9.85 10.59
C ALA A 166 -24.18 -10.29 10.41
N ASN A 167 -25.09 -9.31 10.30
CA ASN A 167 -26.53 -9.60 10.28
C ASN A 167 -26.96 -10.22 8.97
N GLU A 168 -26.47 -9.70 7.87
CA GLU A 168 -26.71 -10.33 6.57
C GLU A 168 -25.90 -11.61 6.32
N LEU A 169 -24.84 -11.83 7.09
CA LEU A 169 -24.09 -13.08 6.94
C LEU A 169 -24.66 -14.22 7.75
N GLU A 170 -25.32 -13.89 8.86
CA GLU A 170 -25.84 -14.90 9.81
C GLU A 170 -26.75 -15.98 9.18
N PRO A 171 -27.62 -15.60 8.21
CA PRO A 171 -28.46 -16.62 7.55
C PRO A 171 -27.70 -17.54 6.58
N ILE A 172 -26.53 -17.12 6.14
CA ILE A 172 -25.82 -17.73 5.01
C ILE A 172 -24.59 -18.54 5.47
N ALA A 173 -23.84 -17.98 6.42
CA ALA A 173 -22.60 -18.60 6.89
C ALA A 173 -22.87 -19.82 7.80
N ALA A 174 -21.95 -20.78 7.81
CA ALA A 174 -21.95 -21.84 8.82
C ALA A 174 -21.95 -21.23 10.23
N SER A 175 -21.15 -20.19 10.44
CA SER A 175 -21.20 -19.40 11.68
C SER A 175 -20.57 -18.04 11.49
N VAL A 176 -21.01 -17.10 12.32
CA VAL A 176 -20.49 -15.76 12.30
C VAL A 176 -20.06 -15.37 13.70
N THR A 177 -18.82 -14.88 13.79
CA THR A 177 -18.27 -14.43 15.05
C THR A 177 -17.80 -12.99 14.86
N VAL A 178 -18.13 -12.13 15.81
CA VAL A 178 -17.72 -10.74 15.72
C VAL A 178 -16.81 -10.43 16.89
N VAL A 179 -15.62 -9.96 16.57
CA VAL A 179 -14.64 -9.68 17.57
C VAL A 179 -14.49 -8.17 17.63
N HIS A 180 -14.66 -7.61 18.82
CA HIS A 180 -14.52 -6.19 19.00
C HIS A 180 -13.94 -5.89 20.37
N ARG A 181 -13.12 -4.84 20.46
CA ARG A 181 -12.42 -4.53 21.73
C ARG A 181 -13.19 -3.68 22.72
N ARG A 182 -14.40 -3.27 22.36
CA ARG A 182 -15.27 -2.56 23.28
C ARG A 182 -16.61 -3.25 23.28
N GLU A 183 -17.31 -3.16 24.40
CA GLU A 183 -18.63 -3.76 24.55
C GLU A 183 -19.71 -2.97 23.80
N GLU A 184 -19.37 -1.75 23.38
CA GLU A 184 -20.30 -0.85 22.70
C GLU A 184 -20.02 -0.88 21.19
N PHE A 185 -21.08 -0.83 20.39
CA PHE A 185 -20.98 -0.92 18.94
C PHE A 185 -21.47 0.36 18.26
N GLY A 186 -21.16 0.51 16.96
CA GLY A 186 -21.65 1.61 16.14
C GLY A 186 -22.93 1.24 15.38
N GLY A 187 -23.49 2.20 14.66
CA GLY A 187 -24.74 1.99 13.90
C GLY A 187 -25.97 2.11 14.78
N MET A 188 -27.15 1.91 14.22
CA MET A 188 -28.37 1.94 15.04
C MET A 188 -28.40 0.74 15.98
N GLU A 189 -28.92 0.96 17.18
CA GLU A 189 -28.85 -0.02 18.26
C GLU A 189 -29.69 -1.26 17.99
N SER A 190 -30.75 -1.10 17.19
CA SER A 190 -31.58 -2.23 16.78
C SER A 190 -30.77 -3.31 16.05
N SER A 191 -29.81 -2.85 15.24
CA SER A 191 -28.91 -3.75 14.50
C SER A 191 -27.99 -4.52 15.45
N VAL A 192 -27.50 -3.83 16.47
CA VAL A 192 -26.67 -4.44 17.52
C VAL A 192 -27.47 -5.46 18.32
N THR A 193 -28.63 -5.04 18.84
CA THR A 193 -29.48 -5.92 19.65
C THR A 193 -29.81 -7.21 18.90
N LYS A 194 -30.19 -7.04 17.63
CA LYS A 194 -30.42 -8.12 16.66
C LYS A 194 -29.22 -9.09 16.51
N MET A 195 -28.05 -8.55 16.18
CA MET A 195 -26.83 -9.35 16.12
C MET A 195 -26.64 -10.09 17.44
N LYS A 196 -26.77 -9.36 18.54
CA LYS A 196 -26.46 -9.85 19.88
C LYS A 196 -27.39 -10.99 20.29
N GLN A 197 -28.63 -10.97 19.79
CA GLN A 197 -29.63 -11.98 20.12
C GLN A 197 -29.61 -13.14 19.10
N SER A 198 -29.11 -12.86 17.87
CA SER A 198 -29.03 -13.90 16.85
C SER A 198 -27.93 -14.90 17.22
N SER A 199 -27.78 -15.93 16.38
CA SER A 199 -26.75 -16.93 16.58
C SER A 199 -25.35 -16.39 16.34
N VAL A 200 -25.22 -15.13 15.91
CA VAL A 200 -23.92 -14.51 15.77
C VAL A 200 -23.21 -14.62 17.12
N ARG A 201 -21.92 -14.93 17.10
CA ARG A 201 -21.19 -15.03 18.33
C ARG A 201 -20.46 -13.72 18.53
N VAL A 202 -20.74 -13.05 19.64
CA VAL A 202 -20.25 -11.73 19.87
C VAL A 202 -19.19 -11.74 20.95
N LEU A 203 -17.94 -11.50 20.54
CA LEU A 203 -16.79 -11.63 21.42
C LEU A 203 -16.25 -10.23 21.78
N THR A 204 -16.72 -9.74 22.93
CA THR A 204 -16.31 -8.44 23.46
C THR A 204 -16.05 -8.56 24.95
N PRO A 205 -15.15 -7.74 25.50
CA PRO A 205 -14.20 -6.91 24.82
C PRO A 205 -12.95 -7.73 24.52
N TYR A 206 -12.71 -7.99 23.24
CA TYR A 206 -11.54 -8.74 22.79
C TYR A 206 -10.73 -7.98 21.76
N ARG A 207 -9.42 -8.16 21.88
CA ARG A 207 -8.45 -7.59 20.96
C ARG A 207 -7.87 -8.69 20.03
N LEU A 208 -7.85 -8.39 18.73
CA LEU A 208 -7.30 -9.28 17.77
C LEU A 208 -5.81 -9.23 17.95
N GLU A 209 -5.19 -10.37 18.22
CA GLU A 209 -3.78 -10.39 18.60
C GLU A 209 -2.91 -10.97 17.51
N GLN A 210 -3.40 -11.99 16.82
CA GLN A 210 -2.54 -12.74 15.94
C GLN A 210 -3.33 -13.63 15.01
N LEU A 211 -2.75 -13.81 13.83
CA LEU A 211 -3.30 -14.65 12.81
C LEU A 211 -2.43 -15.93 12.69
N ASN A 212 -3.11 -17.08 12.66
CA ASN A 212 -2.45 -18.35 12.62
C ASN A 212 -2.87 -18.98 11.33
N GLY A 213 -1.89 -19.36 10.52
CA GLY A 213 -2.16 -19.90 9.21
C GLY A 213 -1.01 -20.65 8.58
N ASP A 214 -1.25 -21.11 7.35
CA ASP A 214 -0.28 -21.82 6.55
C ASP A 214 -0.27 -21.20 5.16
N GLU A 215 0.27 -21.93 4.19
CA GLU A 215 0.39 -21.45 2.80
C GLU A 215 -0.97 -21.25 2.14
N GLU A 216 -1.91 -22.11 2.48
CA GLU A 216 -3.25 -22.04 1.92
C GLU A 216 -4.07 -20.85 2.47
N GLY A 217 -3.84 -20.47 3.73
CA GLY A 217 -4.64 -19.39 4.35
C GLY A 217 -4.64 -19.32 5.88
N ILE A 218 -5.45 -18.40 6.42
CA ILE A 218 -5.57 -18.19 7.88
C ILE A 218 -6.43 -19.29 8.40
N LYS A 219 -6.03 -19.95 9.49
CA LYS A 219 -6.85 -21.05 10.07
C LYS A 219 -7.50 -20.75 11.42
N SER A 220 -6.87 -19.86 12.21
CA SER A 220 -7.48 -19.28 13.43
C SER A 220 -6.90 -17.90 13.67
N VAL A 221 -7.54 -17.16 14.57
CA VAL A 221 -7.02 -15.93 15.10
C VAL A 221 -6.97 -16.09 16.58
N THR A 222 -5.92 -15.54 17.17
CA THR A 222 -5.79 -15.52 18.60
C THR A 222 -6.26 -14.15 19.03
N VAL A 223 -7.18 -14.15 19.97
CA VAL A 223 -7.70 -12.91 20.52
C VAL A 223 -7.41 -12.91 22.03
N CYS A 224 -7.47 -11.75 22.65
CA CYS A 224 -7.15 -11.61 24.07
C CYS A 224 -8.27 -10.75 24.69
N HIS A 225 -8.86 -11.23 25.79
CA HIS A 225 -9.84 -10.44 26.55
C HIS A 225 -9.11 -9.21 27.12
N THR A 226 -9.61 -8.03 26.79
CA THR A 226 -8.95 -6.74 27.14
C THR A 226 -8.83 -6.47 28.66
N GLU A 227 -9.42 -7.33 29.48
CA GLU A 227 -9.47 -7.14 30.93
C GLU A 227 -8.89 -8.27 31.73
N SER A 228 -9.34 -9.48 31.47
CA SER A 228 -8.80 -10.67 32.11
C SER A 228 -7.46 -11.09 31.51
N GLY A 229 -7.16 -10.65 30.29
CA GLY A 229 -5.95 -11.04 29.59
C GLY A 229 -5.97 -12.51 29.13
N GLN A 230 -7.15 -13.12 29.12
CA GLN A 230 -7.23 -14.50 28.67
C GLN A 230 -7.33 -14.59 27.16
N ARG A 231 -6.56 -15.55 26.66
CA ARG A 231 -6.37 -15.81 25.26
C ARG A 231 -7.43 -16.80 24.81
N LYS A 232 -7.96 -16.58 23.61
CA LYS A 232 -8.72 -17.60 22.92
C LYS A 232 -8.23 -17.70 21.50
N ASP A 233 -8.27 -18.91 20.97
CA ASP A 233 -8.01 -19.14 19.57
C ASP A 233 -9.34 -19.43 18.90
N ILE A 234 -9.72 -18.59 17.95
CA ILE A 234 -10.99 -18.73 17.29
C ILE A 234 -10.73 -19.29 15.89
N GLU A 235 -11.42 -20.37 15.55
CA GLU A 235 -11.40 -20.97 14.21
C GLU A 235 -11.76 -19.99 13.06
N ILE A 236 -11.07 -20.10 11.92
CA ILE A 236 -11.30 -19.21 10.76
C ILE A 236 -11.43 -20.00 9.45
N ASP A 237 -12.53 -19.82 8.71
CA ASP A 237 -12.57 -20.12 7.26
C ASP A 237 -12.42 -18.84 6.45
N GLU A 238 -13.08 -17.76 6.90
CA GLU A 238 -12.89 -16.46 6.30
C GLU A 238 -12.68 -15.41 7.39
N LEU A 239 -11.73 -14.52 7.20
CA LEU A 239 -11.54 -13.37 8.09
C LEU A 239 -11.85 -12.07 7.36
N ILE A 240 -12.73 -11.27 7.96
CA ILE A 240 -13.07 -9.96 7.41
C ILE A 240 -12.60 -8.93 8.40
N ILE A 241 -11.65 -8.10 7.97
CA ILE A 241 -11.12 -7.03 8.80
C ILE A 241 -11.84 -5.75 8.44
N ASN A 242 -12.49 -5.11 9.42
CA ASN A 242 -13.24 -3.86 9.21
C ASN A 242 -12.80 -2.82 10.26
N HIS A 243 -11.50 -2.58 10.34
CA HIS A 243 -10.93 -1.67 11.33
C HIS A 243 -10.76 -0.27 10.75
N GLY A 244 -10.96 -0.12 9.45
CA GLY A 244 -10.71 1.16 8.80
C GLY A 244 -9.25 1.29 8.37
N PHE A 245 -9.03 2.15 7.39
CA PHE A 245 -7.70 2.36 6.85
C PHE A 245 -7.10 3.65 7.33
N LYS A 246 -5.79 3.64 7.43
CA LYS A 246 -5.05 4.78 7.86
C LYS A 246 -4.11 5.07 6.70
N ILE A 247 -4.63 5.74 5.69
CA ILE A 247 -3.82 6.03 4.48
C ILE A 247 -3.69 7.52 4.27
N ASP A 248 -2.58 8.08 4.72
CA ASP A 248 -2.38 9.52 4.61
C ASP A 248 -0.90 9.85 4.61
N LEU A 249 -0.59 11.09 4.27
CA LEU A 249 0.79 11.47 3.99
C LEU A 249 1.62 11.73 5.26
N GLY A 250 0.96 11.76 6.41
CA GLY A 250 1.64 11.79 7.71
C GLY A 250 2.60 12.96 7.84
N PRO A 251 3.84 12.69 8.28
CA PRO A 251 4.79 13.78 8.49
C PRO A 251 5.28 14.51 7.24
N MET A 252 5.03 13.95 6.04
CA MET A 252 5.32 14.65 4.78
C MET A 252 4.45 15.90 4.69
N MET A 253 3.39 15.91 5.50
CA MET A 253 2.57 17.09 5.68
C MET A 253 3.39 18.31 6.07
N GLU A 254 4.51 18.10 6.78
CA GLU A 254 5.30 19.17 7.37
C GLU A 254 6.57 19.44 6.59
N TRP A 255 6.67 18.91 5.39
CA TRP A 255 7.81 19.20 4.54
C TRP A 255 7.64 20.52 3.77
N GLY A 256 6.46 21.12 3.85
CA GLY A 256 6.15 22.28 3.02
C GLY A 256 5.75 21.96 1.57
N LEU A 257 5.37 20.72 1.30
CA LEU A 257 4.89 20.39 -0.03
C LEU A 257 3.56 21.05 -0.30
N GLU A 258 3.37 21.49 -1.53
CA GLU A 258 2.07 21.94 -1.97
C GLU A 258 1.21 20.70 -2.14
N ILE A 259 0.18 20.56 -1.29
CA ILE A 259 -0.70 19.41 -1.30
C ILE A 259 -2.14 19.82 -1.58
N GLU A 260 -2.82 19.00 -2.37
CA GLU A 260 -4.22 19.22 -2.72
C GLU A 260 -4.93 17.87 -2.74
N GLU A 261 -6.07 17.81 -2.05
CA GLU A 261 -6.89 16.62 -1.88
C GLU A 261 -6.09 15.40 -1.44
N GLY A 262 -5.16 15.59 -0.50
CA GLY A 262 -4.33 14.50 0.00
C GLY A 262 -3.28 14.00 -0.99
N ARG A 263 -3.01 14.78 -2.03
CA ARG A 263 -2.04 14.38 -3.04
C ARG A 263 -1.14 15.54 -3.32
N VAL A 264 -0.02 15.25 -3.97
CA VAL A 264 1.04 16.23 -4.16
C VAL A 264 0.98 16.87 -5.53
N LYS A 265 0.87 18.18 -5.53
CA LYS A 265 0.71 18.95 -6.75
C LYS A 265 1.91 18.74 -7.64
N ALA A 266 1.64 18.45 -8.92
CA ALA A 266 2.68 18.21 -9.90
C ALA A 266 2.48 19.12 -11.11
N ASP A 267 3.56 19.76 -11.55
CA ASP A 267 3.53 20.43 -12.84
C ASP A 267 3.72 19.36 -13.93
N ARG A 268 3.72 19.78 -15.19
CA ARG A 268 3.81 18.84 -16.30
C ARG A 268 5.12 18.07 -16.32
N HIS A 269 6.15 18.58 -15.65
CA HIS A 269 7.43 17.90 -15.55
C HIS A 269 7.47 16.96 -14.34
N MET A 270 6.32 16.88 -13.64
CA MET A 270 6.21 16.11 -12.40
C MET A 270 7.08 16.70 -11.29
N ARG A 271 7.31 18.00 -11.35
CA ARG A 271 7.98 18.69 -10.25
C ARG A 271 6.98 19.06 -9.18
N THR A 272 7.38 18.89 -7.92
CA THR A 272 6.72 19.51 -6.78
C THR A 272 7.28 20.93 -6.63
N ASN A 273 6.84 21.65 -5.60
CA ASN A 273 7.43 22.94 -5.26
C ASN A 273 8.78 22.86 -4.55
N LEU A 274 9.21 21.66 -4.15
CA LEU A 274 10.49 21.50 -3.46
C LEU A 274 11.55 21.14 -4.48
N PRO A 275 12.58 21.99 -4.61
CA PRO A 275 13.63 21.69 -5.59
C PRO A 275 14.23 20.31 -5.38
N GLY A 276 14.41 19.57 -6.46
CA GLY A 276 14.93 18.22 -6.40
C GLY A 276 13.93 17.16 -5.97
N VAL A 277 12.67 17.55 -5.80
CA VAL A 277 11.62 16.64 -5.37
C VAL A 277 10.54 16.53 -6.46
N PHE A 278 10.40 15.31 -6.97
CA PHE A 278 9.46 15.01 -8.05
C PHE A 278 8.45 13.98 -7.54
N VAL A 279 7.42 13.71 -8.33
CA VAL A 279 6.32 12.86 -7.91
C VAL A 279 5.74 12.07 -9.07
N ALA A 280 5.21 10.88 -8.78
CA ALA A 280 4.63 10.00 -9.83
C ALA A 280 3.70 8.95 -9.21
N GLY A 281 2.70 8.50 -9.96
CA GLY A 281 1.74 7.52 -9.49
C GLY A 281 0.58 8.18 -8.78
N ASP A 282 -0.08 7.46 -7.89
CA ASP A 282 -1.31 7.99 -7.26
C ASP A 282 -1.03 9.23 -6.38
N ALA A 283 0.20 9.41 -5.92
CA ALA A 283 0.63 10.60 -5.19
C ALA A 283 0.48 11.92 -5.96
N ALA A 284 0.50 11.87 -7.29
CA ALA A 284 0.52 13.11 -8.09
C ALA A 284 -0.88 13.68 -8.21
N PHE A 285 -0.98 14.99 -8.03
CA PHE A 285 -2.22 15.71 -8.24
C PHE A 285 -2.09 16.71 -9.39
N TYR A 286 -2.96 16.60 -10.37
CA TYR A 286 -3.21 17.64 -11.38
C TYR A 286 -4.53 17.30 -12.05
N GLU A 287 -5.11 18.26 -12.74
CA GLU A 287 -6.54 18.18 -13.04
C GLU A 287 -6.97 16.92 -13.80
N SER A 288 -6.27 16.66 -14.89
CA SER A 288 -6.62 15.60 -15.82
C SER A 288 -5.93 14.27 -15.48
N LYS A 289 -5.32 14.19 -14.29
CA LYS A 289 -4.50 13.01 -13.95
C LYS A 289 -5.27 11.72 -14.05
N LEU A 290 -4.62 10.73 -14.66
CA LEU A 290 -5.16 9.40 -14.77
C LEU A 290 -4.75 8.59 -13.56
N ARG A 291 -5.73 8.30 -12.70
CA ARG A 291 -5.49 7.67 -11.43
C ARG A 291 -5.55 6.15 -11.62
N LEU A 292 -4.66 5.70 -12.53
CA LEU A 292 -4.48 4.31 -12.89
C LEU A 292 -2.99 4.01 -12.91
N ILE A 293 -2.72 2.73 -12.98
CA ILE A 293 -1.37 2.22 -13.12
C ILE A 293 -0.76 2.78 -14.43
N ALA A 294 -1.55 2.79 -15.51
CA ALA A 294 -1.11 3.35 -16.79
C ALA A 294 -0.63 4.79 -16.66
N GLY A 295 -1.36 5.60 -15.87
CA GLY A 295 -0.94 6.96 -15.56
C GLY A 295 0.43 7.05 -14.91
N GLY A 296 0.63 6.25 -13.87
CA GLY A 296 1.89 6.21 -13.18
C GLY A 296 3.03 5.78 -14.10
N PHE A 297 2.76 4.95 -15.09
CA PHE A 297 3.82 4.42 -15.94
C PHE A 297 4.36 5.50 -16.88
N THR A 298 3.62 6.58 -17.07
CA THR A 298 4.09 7.77 -17.80
C THR A 298 4.75 8.78 -16.84
N GLU A 299 4.11 9.03 -15.70
CA GLU A 299 4.61 9.98 -14.74
C GLU A 299 5.96 9.59 -14.18
N GLY A 300 6.19 8.30 -13.95
CA GLY A 300 7.45 7.83 -13.41
C GLY A 300 8.61 8.28 -14.26
N PRO A 301 8.68 7.83 -15.52
CA PRO A 301 9.76 8.21 -16.41
C PRO A 301 9.88 9.71 -16.60
N THR A 302 8.76 10.42 -16.59
CA THR A 302 8.75 11.89 -16.70
C THR A 302 9.50 12.46 -15.50
N ALA A 303 9.21 11.90 -14.33
CA ALA A 303 9.85 12.34 -13.13
C ALA A 303 11.34 12.07 -13.18
N VAL A 304 11.73 10.93 -13.76
CA VAL A 304 13.15 10.58 -13.87
C VAL A 304 13.87 11.54 -14.83
N ASN A 305 13.23 11.85 -15.95
CA ASN A 305 13.80 12.78 -16.90
C ASN A 305 14.01 14.15 -16.28
N SER A 306 13.06 14.64 -15.49
CA SER A 306 13.24 15.92 -14.80
C SER A 306 14.33 15.85 -13.73
N ALA A 307 14.39 14.74 -13.01
CA ALA A 307 15.46 14.56 -12.04
C ALA A 307 16.82 14.67 -12.75
N LYS A 308 16.93 13.98 -13.88
CA LYS A 308 18.17 13.93 -14.66
C LYS A 308 18.54 15.31 -15.19
N ALA A 309 17.57 16.05 -15.73
CA ALA A 309 17.77 17.44 -16.17
C ALA A 309 18.23 18.36 -15.04
N TYR A 310 17.66 18.16 -13.87
CA TYR A 310 18.02 18.88 -12.66
C TYR A 310 19.45 18.57 -12.23
N LEU A 311 19.91 17.34 -12.39
CA LEU A 311 21.31 17.01 -12.08
C LEU A 311 22.27 17.45 -13.18
N ASP A 312 21.86 17.34 -14.44
CA ASP A 312 22.66 17.77 -15.57
C ASP A 312 21.75 18.32 -16.67
N PRO A 313 21.65 19.65 -16.76
CA PRO A 313 20.93 20.38 -17.82
C PRO A 313 21.28 19.99 -19.25
N LYS A 314 22.46 19.43 -19.49
CA LYS A 314 22.85 19.06 -20.86
C LYS A 314 22.51 17.61 -21.20
N ALA A 315 21.86 16.91 -20.28
CA ALA A 315 21.44 15.55 -20.55
C ALA A 315 20.37 15.53 -21.65
N GLU A 316 20.30 14.41 -22.35
CA GLU A 316 19.28 14.18 -23.36
C GLU A 316 17.90 14.20 -22.67
N ASN A 317 16.85 14.59 -23.41
CA ASN A 317 15.52 14.79 -22.80
C ASN A 317 14.90 13.51 -22.22
N MET A 318 15.23 12.38 -22.82
CA MET A 318 14.76 11.10 -22.31
C MET A 318 15.78 10.04 -22.60
N ALA A 319 15.57 8.86 -22.03
CA ALA A 319 16.46 7.72 -22.30
C ALA A 319 16.33 7.26 -23.75
N MET A 320 17.34 6.54 -24.22
CA MET A 320 17.26 5.88 -25.53
C MET A 320 16.08 4.90 -25.51
N TYR A 321 15.48 4.68 -26.68
CA TYR A 321 14.46 3.62 -26.88
C TYR A 321 15.05 2.29 -26.44
N SER A 322 14.27 1.52 -25.71
CA SER A 322 14.71 0.20 -25.22
C SER A 322 15.28 -0.67 -26.35
N THR A 323 14.65 -0.61 -27.52
CA THR A 323 15.02 -1.41 -28.68
C THR A 323 16.42 -1.07 -29.21
N HIS A 324 16.93 0.13 -28.91
CA HIS A 324 18.29 0.52 -29.29
C HIS A 324 19.12 0.99 -28.09
N HIS A 325 18.69 0.62 -26.89
CA HIS A 325 19.40 0.95 -25.67
C HIS A 325 20.61 0.02 -25.54
N LYS A 326 21.79 0.62 -25.41
CA LYS A 326 23.08 -0.10 -25.42
C LYS A 326 23.28 -1.11 -24.28
N LYS A 327 22.61 -0.90 -23.14
CA LYS A 327 22.67 -1.84 -22.02
C LYS A 327 21.58 -2.93 -22.06
N LEU A 328 20.66 -2.85 -23.03
CA LEU A 328 19.55 -3.82 -23.13
C LEU A 328 19.61 -4.79 -24.33
N VAL A 329 20.35 -4.45 -25.40
CA VAL A 329 20.35 -5.29 -26.63
C VAL A 329 21.72 -5.85 -26.99
#